data_4C9U
#
_entry.id   4C9U
#
_cell.length_a   57.555
_cell.length_b   57.620
_cell.length_c   208.915
_cell.angle_alpha   90.00
_cell.angle_beta   90.00
_cell.angle_gamma   90.00
#
_symmetry.space_group_name_H-M   'P 2 2 21'
#
loop_
_entity.id
_entity.type
_entity.pdbx_description
1 polymer 'E3 UBIQUITIN-PROTEIN LIGASE ZNRF3'
2 polymer R-SPONDIN-2
#
loop_
_entity_poly.entity_id
_entity_poly.type
_entity_poly.pdbx_seq_one_letter_code
_entity_poly.pdbx_strand_id
1 'polypeptide(L)'
;ETGESLAKETAFVEVVLFESSPNGDYKTHTTELQGRFSRAGATISAEGEIVQMHPLGLCNNNDEEDLYEYGWVGVVKLEQ
PEMDPKPCLTVLGKAKRAVQRGATAVIFDVSDNPDAVEQLNQGLEDPLKRPVVYMKGMDAIKLMNIVNKQKGARARIQHR
PPRQPTEYFDGTHHHHHHHHHH
;
A,C
2 'polypeptide(L)'
;ETGGTNPICKGCLSCSKDNGCLRCQPKLFFYLRREGMRQYGECLQSCPPGYYGVRGPDMNRCSRCRIENCDSCFSRDFCI
KCKSGFYSHKGQCFEECPEGFAPLDDTMVCVDGTKHHHHHH
;
B,D
#
# COMPACT_ATOMS: atom_id res chain seq x y z
N GLU A 1 20.93 -36.00 -1.71
CA GLU A 1 20.61 -34.72 -2.38
C GLU A 1 19.18 -34.74 -2.81
N THR A 2 18.37 -33.80 -2.31
CA THR A 2 16.94 -33.77 -2.66
C THR A 2 16.73 -33.35 -4.11
N GLY A 3 15.50 -33.52 -4.58
CA GLY A 3 15.11 -33.20 -5.95
C GLY A 3 14.04 -32.14 -6.01
N GLU A 4 13.37 -32.06 -7.16
CA GLU A 4 12.19 -31.21 -7.30
C GLU A 4 11.14 -31.74 -6.33
N SER A 5 10.72 -30.82 -5.45
CA SER A 5 9.70 -31.03 -4.46
C SER A 5 8.45 -31.60 -5.08
N LEU A 6 7.72 -32.37 -4.27
CA LEU A 6 6.38 -32.75 -4.60
C LEU A 6 5.54 -31.47 -4.60
N ALA A 7 4.76 -31.23 -5.66
CA ALA A 7 3.89 -30.04 -5.69
C ALA A 7 2.85 -30.01 -4.55
N LYS A 8 2.49 -28.82 -4.13
CA LYS A 8 1.70 -28.71 -2.93
C LYS A 8 0.25 -28.87 -3.24
N GLU A 9 -0.46 -29.52 -2.35
CA GLU A 9 -1.84 -29.86 -2.59
C GLU A 9 -2.72 -28.63 -2.62
N THR A 10 -3.72 -28.68 -3.47
CA THR A 10 -4.68 -27.60 -3.59
C THR A 10 -5.70 -27.54 -2.46
N ALA A 11 -5.85 -26.35 -1.91
CA ALA A 11 -6.87 -26.07 -0.92
C ALA A 11 -8.08 -25.45 -1.63
N PHE A 12 -9.20 -26.16 -1.64
CA PHE A 12 -10.38 -25.68 -2.32
C PHE A 12 -11.17 -24.89 -1.31
N VAL A 13 -11.13 -23.58 -1.45
CA VAL A 13 -11.74 -22.69 -0.49
C VAL A 13 -13.12 -22.25 -0.96
N GLU A 14 -14.12 -22.86 -0.39
CA GLU A 14 -15.47 -22.60 -0.79
C GLU A 14 -15.86 -21.45 0.06
N VAL A 15 -16.46 -20.42 -0.53
CA VAL A 15 -16.93 -19.30 0.25
C VAL A 15 -18.45 -19.15 0.11
N VAL A 16 -19.10 -19.25 1.26
CA VAL A 16 -20.50 -19.20 1.33
C VAL A 16 -20.92 -17.79 1.73
N LEU A 17 -21.91 -17.24 1.03
CA LEU A 17 -22.56 -16.01 1.46
C LEU A 17 -23.99 -16.39 1.76
N PHE A 18 -24.60 -15.69 2.70
CA PHE A 18 -25.93 -16.13 3.14
C PHE A 18 -26.92 -14.98 3.42
N GLU A 19 -28.19 -15.13 3.03
CA GLU A 19 -29.25 -14.16 3.40
C GLU A 19 -30.25 -14.80 4.36
N SER A 20 -30.77 -13.97 5.25
CA SER A 20 -31.68 -14.40 6.28
C SER A 20 -33.10 -13.91 6.01
N SER A 21 -33.98 -14.81 5.59
CA SER A 21 -35.43 -14.54 5.58
C SER A 21 -35.85 -13.96 6.94
N PRO A 22 -37.02 -13.29 7.00
CA PRO A 22 -37.52 -12.90 8.34
C PRO A 22 -37.88 -14.11 9.22
N ASN A 23 -38.50 -15.13 8.65
CA ASN A 23 -39.03 -16.25 9.44
C ASN A 23 -37.98 -17.02 10.18
N GLY A 24 -36.79 -17.13 9.59
CA GLY A 24 -35.72 -17.90 10.23
C GLY A 24 -34.75 -18.60 9.31
N ASP A 25 -35.15 -18.90 8.08
CA ASP A 25 -34.33 -19.66 7.13
C ASP A 25 -33.21 -18.83 6.45
N TYR A 26 -32.41 -19.51 5.64
CA TYR A 26 -31.23 -18.97 5.02
C TYR A 26 -31.06 -19.52 3.61
N LYS A 27 -31.04 -18.65 2.61
CA LYS A 27 -30.61 -19.06 1.32
C LYS A 27 -29.15 -18.74 1.24
N THR A 28 -28.38 -19.61 0.60
CA THR A 28 -26.96 -19.36 0.38
C THR A 28 -26.51 -19.66 -1.05
N HIS A 29 -25.49 -18.94 -1.45
CA HIS A 29 -24.88 -19.07 -2.75
C HIS A 29 -23.41 -19.37 -2.43
N THR A 30 -22.76 -20.14 -3.26
CA THR A 30 -21.43 -20.54 -2.91
C THR A 30 -20.44 -20.05 -3.98
N THR A 31 -19.14 -20.01 -3.66
CA THR A 31 -18.12 -19.48 -4.57
C THR A 31 -16.78 -20.23 -4.43
N GLU A 32 -16.43 -21.08 -5.38
CA GLU A 32 -15.25 -21.91 -5.24
C GLU A 32 -13.93 -21.19 -5.63
N LEU A 33 -13.02 -21.06 -4.69
CA LEU A 33 -11.71 -20.46 -4.92
C LEU A 33 -10.64 -21.47 -4.62
N GLN A 34 -9.43 -21.21 -5.07
CA GLN A 34 -8.36 -22.19 -4.89
C GLN A 34 -7.05 -21.58 -4.38
N GLY A 35 -6.38 -22.30 -3.49
CA GLY A 35 -5.07 -21.91 -3.03
C GLY A 35 -4.32 -23.19 -2.74
N ARG A 36 -3.27 -23.11 -1.91
CA ARG A 36 -2.42 -24.26 -1.61
C ARG A 36 -2.23 -24.43 -0.13
N PHE A 37 -2.21 -25.66 0.35
CA PHE A 37 -1.79 -25.89 1.74
C PHE A 37 -0.31 -25.73 1.71
N SER A 38 0.30 -25.34 2.82
CA SER A 38 1.74 -25.21 2.87
C SER A 38 2.30 -26.13 3.95
N ARG A 39 3.62 -26.36 3.92
CA ARG A 39 4.23 -27.16 4.97
C ARG A 39 4.02 -26.52 6.34
N ALA A 40 3.80 -25.21 6.37
CA ALA A 40 3.76 -24.48 7.65
C ALA A 40 2.62 -24.93 8.53
N GLY A 41 1.58 -25.44 7.90
CA GLY A 41 0.44 -25.92 8.63
C GLY A 41 0.02 -27.31 8.25
N ALA A 42 -1.17 -27.67 8.70
CA ALA A 42 -1.69 -28.99 8.45
C ALA A 42 -2.24 -29.03 7.03
N THR A 43 -2.70 -30.21 6.64
CA THR A 43 -3.31 -30.41 5.35
C THR A 43 -4.62 -31.14 5.61
N ILE A 44 -5.55 -30.39 6.21
CA ILE A 44 -6.85 -30.88 6.65
C ILE A 44 -7.96 -29.87 6.39
N SER A 45 -9.18 -30.36 6.22
CA SER A 45 -10.30 -29.46 6.01
C SER A 45 -10.52 -28.64 7.25
N ALA A 46 -11.11 -27.47 7.07
CA ALA A 46 -11.43 -26.54 8.16
C ALA A 46 -12.51 -25.54 7.73
N GLU A 47 -13.20 -24.95 8.69
CA GLU A 47 -14.39 -24.19 8.37
C GLU A 47 -14.67 -23.18 9.45
N GLY A 48 -15.02 -21.96 9.05
CA GLY A 48 -15.37 -20.93 10.04
C GLY A 48 -15.64 -19.56 9.44
N GLU A 49 -16.16 -18.66 10.24
CA GLU A 49 -16.46 -17.34 9.77
C GLU A 49 -15.16 -16.64 9.39
N ILE A 50 -15.20 -15.80 8.37
CA ILE A 50 -14.00 -15.12 7.93
C ILE A 50 -13.81 -13.84 8.73
N VAL A 51 -12.55 -13.50 9.00
CA VAL A 51 -12.21 -12.30 9.72
C VAL A 51 -10.89 -11.79 9.14
N GLN A 52 -10.91 -10.64 8.50
CA GLN A 52 -9.66 -10.03 8.10
C GLN A 52 -8.79 -9.67 9.32
N MET A 53 -7.47 -9.80 9.17
CA MET A 53 -6.57 -9.27 10.17
C MET A 53 -5.52 -8.45 9.48
N HIS A 54 -5.40 -7.20 9.87
CA HIS A 54 -4.27 -6.41 9.47
C HIS A 54 -2.98 -7.12 9.90
N PRO A 55 -1.96 -7.18 9.01
CA PRO A 55 -0.71 -7.85 9.32
C PRO A 55 0.07 -7.26 10.50
N LEU A 56 -0.20 -6.02 10.89
CA LEU A 56 0.26 -5.51 12.20
C LEU A 56 -0.69 -5.72 13.38
N GLY A 57 -1.82 -6.39 13.15
CA GLY A 57 -2.69 -6.77 14.24
C GLY A 57 -2.08 -7.93 14.99
N LEU A 58 -1.17 -8.62 14.31
CA LEU A 58 -0.62 -9.84 14.83
C LEU A 58 0.79 -9.62 15.29
N CYS A 59 0.93 -9.14 16.51
CA CYS A 59 2.26 -8.98 17.10
C CYS A 59 2.21 -9.36 18.56
N ASN A 60 3.37 -9.74 19.11
CA ASN A 60 3.50 -10.15 20.52
C ASN A 60 3.74 -9.02 21.51
N ASN A 61 2.92 -7.99 21.41
CA ASN A 61 2.99 -6.82 22.24
C ASN A 61 2.81 -7.18 23.71
N ASN A 62 2.16 -8.33 23.94
CA ASN A 62 1.61 -8.66 25.23
C ASN A 62 0.41 -7.78 25.59
N ASP A 63 0.02 -6.85 24.70
CA ASP A 63 -1.00 -5.83 24.98
C ASP A 63 -2.42 -6.36 24.72
N GLU A 64 -3.22 -6.46 25.78
CA GLU A 64 -4.51 -7.15 25.77
C GLU A 64 -5.35 -6.77 24.54
N GLU A 65 -5.66 -7.77 23.69
CA GLU A 65 -6.41 -7.53 22.43
C GLU A 65 -7.83 -8.16 22.55
N ASP A 66 -8.71 -7.84 21.61
CA ASP A 66 -10.09 -8.29 21.68
C ASP A 66 -10.17 -9.80 21.63
N LEU A 67 -11.15 -10.32 22.37
CA LEU A 67 -11.53 -11.71 22.33
C LEU A 67 -12.43 -11.87 21.11
N TYR A 68 -11.96 -12.62 20.12
CA TYR A 68 -12.81 -13.02 19.01
C TYR A 68 -13.30 -14.42 19.35
N GLU A 69 -14.55 -14.71 18.96
CA GLU A 69 -15.15 -16.00 19.18
C GLU A 69 -14.32 -17.06 18.54
N TYR A 70 -14.07 -18.15 19.27
CA TYR A 70 -13.25 -19.24 18.78
C TYR A 70 -13.74 -19.73 17.43
N GLY A 71 -12.83 -20.22 16.63
CA GLY A 71 -13.18 -20.88 15.40
C GLY A 71 -13.23 -20.00 14.16
N TRP A 72 -12.62 -18.82 14.19
CA TRP A 72 -12.68 -17.94 13.05
C TRP A 72 -11.64 -18.33 12.04
N VAL A 73 -11.83 -17.97 10.78
CA VAL A 73 -10.83 -18.19 9.74
C VAL A 73 -10.21 -16.87 9.37
N GLY A 74 -8.91 -16.77 9.59
CA GLY A 74 -8.22 -15.50 9.39
C GLY A 74 -7.95 -15.28 7.92
N VAL A 75 -8.07 -14.04 7.47
CA VAL A 75 -7.61 -13.69 6.15
C VAL A 75 -6.72 -12.48 6.25
N VAL A 76 -5.49 -12.63 5.77
CA VAL A 76 -4.46 -11.62 5.94
C VAL A 76 -3.89 -11.31 4.56
N LYS A 77 -3.75 -10.04 4.26
CA LYS A 77 -3.15 -9.62 2.98
C LYS A 77 -1.78 -8.99 3.25
N LEU A 78 -0.73 -9.58 2.71
CA LEU A 78 0.61 -9.12 3.09
C LEU A 78 1.02 -8.00 2.21
N GLU A 79 1.87 -7.15 2.78
CA GLU A 79 2.31 -5.98 2.06
C GLU A 79 3.68 -6.23 1.53
N GLN A 80 4.02 -5.45 0.52
CA GLN A 80 5.31 -5.52 -0.12
C GLN A 80 6.33 -5.47 1.00
N PRO A 81 7.45 -6.19 0.86
CA PRO A 81 8.32 -6.28 2.04
C PRO A 81 9.16 -5.02 2.32
N GLU A 82 9.33 -4.16 1.31
CA GLU A 82 10.07 -2.93 1.50
C GLU A 82 9.25 -1.85 2.18
N MET A 83 7.96 -2.04 2.30
CA MET A 83 7.15 -1.17 3.12
C MET A 83 7.43 -1.51 4.57
N ASP A 84 7.61 -2.79 4.85
CA ASP A 84 7.90 -3.25 6.21
C ASP A 84 9.38 -3.71 6.28
N PRO A 85 10.30 -2.79 6.67
CA PRO A 85 11.67 -3.27 6.76
C PRO A 85 11.83 -4.37 7.81
N LYS A 86 11.39 -4.10 9.04
CA LYS A 86 11.63 -4.99 10.20
C LYS A 86 10.36 -5.54 10.86
N PRO A 87 9.91 -6.75 10.47
CA PRO A 87 8.67 -7.31 11.02
C PRO A 87 8.71 -7.59 12.53
N CYS A 88 7.60 -7.36 13.24
CA CYS A 88 7.45 -7.83 14.62
C CYS A 88 7.59 -9.36 14.60
N LEU A 89 6.94 -10.00 13.64
CA LEU A 89 6.96 -11.44 13.55
C LEU A 89 7.20 -11.90 12.13
N THR A 90 7.83 -13.05 11.99
CA THR A 90 7.85 -13.69 10.69
C THR A 90 6.45 -14.10 10.34
N VAL A 91 6.20 -14.16 9.05
CA VAL A 91 4.97 -14.73 8.56
C VAL A 91 4.58 -16.05 9.27
N LEU A 92 5.55 -16.86 9.64
CA LEU A 92 5.27 -18.05 10.46
C LEU A 92 4.61 -17.63 11.77
N GLY A 93 5.25 -16.70 12.46
CA GLY A 93 4.78 -16.23 13.74
C GLY A 93 3.38 -15.66 13.67
N LYS A 94 3.09 -14.87 12.64
CA LYS A 94 1.75 -14.31 12.46
C LYS A 94 0.69 -15.41 12.38
N ALA A 95 0.96 -16.45 11.61
CA ALA A 95 0.08 -17.59 11.62
C ALA A 95 -0.16 -18.11 13.04
N LYS A 96 0.94 -18.31 13.75
CA LYS A 96 0.93 -18.92 15.07
C LYS A 96 0.15 -18.09 16.07
N ARG A 97 0.26 -16.79 15.95
CA ARG A 97 -0.50 -15.86 16.77
C ARG A 97 -2.00 -15.95 16.49
N ALA A 98 -2.38 -15.89 15.22
CA ALA A 98 -3.79 -15.95 14.86
C ALA A 98 -4.42 -17.16 15.53
N VAL A 99 -3.70 -18.28 15.56
CA VAL A 99 -4.28 -19.50 16.12
C VAL A 99 -4.47 -19.29 17.60
N GLN A 100 -3.42 -18.82 18.25
CA GLN A 100 -3.51 -18.51 19.67
C GLN A 100 -4.75 -17.74 19.99
N ARG A 101 -5.15 -16.85 19.10
CA ARG A 101 -6.30 -16.02 19.31
C ARG A 101 -7.62 -16.61 18.78
N GLY A 102 -7.60 -17.89 18.42
CA GLY A 102 -8.80 -18.65 18.14
C GLY A 102 -9.04 -18.99 16.68
N ALA A 103 -8.10 -18.67 15.82
CA ALA A 103 -8.25 -18.96 14.41
C ALA A 103 -8.20 -20.46 14.22
N THR A 104 -9.19 -21.02 13.52
CA THR A 104 -9.19 -22.45 13.18
C THR A 104 -8.37 -22.69 11.94
N ALA A 105 -8.05 -21.62 11.20
CA ALA A 105 -7.30 -21.75 9.95
C ALA A 105 -6.88 -20.37 9.53
N VAL A 106 -5.92 -20.26 8.64
CA VAL A 106 -5.46 -18.95 8.19
C VAL A 106 -5.12 -18.95 6.71
N ILE A 107 -5.43 -17.83 6.06
CA ILE A 107 -5.23 -17.71 4.62
C ILE A 107 -4.50 -16.46 4.26
N PHE A 108 -3.38 -16.60 3.57
CA PHE A 108 -2.60 -15.43 3.15
C PHE A 108 -2.79 -15.14 1.67
N ASP A 109 -3.15 -13.89 1.34
CA ASP A 109 -2.87 -13.36 0.00
C ASP A 109 -1.41 -12.97 -0.10
N VAL A 110 -0.68 -13.69 -0.94
CA VAL A 110 0.74 -13.44 -1.04
C VAL A 110 1.09 -12.78 -2.34
N SER A 111 0.05 -12.38 -3.07
CA SER A 111 0.21 -12.05 -4.46
C SER A 111 1.17 -10.88 -4.56
N ASP A 112 1.27 -10.09 -3.50
CA ASP A 112 2.18 -8.94 -3.47
C ASP A 112 3.47 -9.18 -2.71
N ASN A 113 3.76 -10.44 -2.45
CA ASN A 113 4.95 -10.85 -1.72
C ASN A 113 5.18 -12.34 -1.88
N PRO A 114 5.92 -12.69 -2.90
CA PRO A 114 6.00 -14.06 -3.31
C PRO A 114 6.95 -14.86 -2.44
N ASP A 115 7.90 -14.16 -1.82
CA ASP A 115 8.87 -14.75 -0.89
C ASP A 115 8.20 -15.49 0.25
N ALA A 116 7.07 -14.96 0.69
CA ALA A 116 6.30 -15.58 1.73
C ALA A 116 6.13 -17.07 1.49
N VAL A 117 5.80 -17.41 0.25
CA VAL A 117 5.44 -18.78 -0.03
C VAL A 117 6.57 -19.73 0.33
N GLU A 118 7.80 -19.33 0.02
CA GLU A 118 8.97 -20.14 0.34
C GLU A 118 9.36 -19.99 1.79
N GLN A 119 9.10 -18.82 2.36
CA GLN A 119 9.18 -18.62 3.79
C GLN A 119 8.20 -19.53 4.57
N LEU A 120 7.12 -19.97 3.94
CA LEU A 120 6.14 -20.87 4.56
C LEU A 120 6.38 -22.33 4.23
N ASN A 121 7.06 -22.58 3.12
CA ASN A 121 7.46 -23.93 2.80
C ASN A 121 8.87 -24.23 3.26
N GLN A 122 9.44 -23.37 4.10
CA GLN A 122 10.68 -23.71 4.82
C GLN A 122 10.37 -24.89 5.71
N GLY A 123 9.46 -24.68 6.66
CA GLY A 123 9.12 -25.65 7.72
C GLY A 123 10.21 -26.02 8.72
N LEU A 124 11.06 -25.06 9.07
CA LEU A 124 12.11 -25.30 10.06
C LEU A 124 11.66 -24.90 11.47
N GLU A 125 10.86 -23.85 11.56
CA GLU A 125 10.10 -23.55 12.78
C GLU A 125 8.99 -24.62 12.91
N ASP A 126 8.39 -24.73 14.08
CA ASP A 126 7.41 -25.80 14.25
C ASP A 126 6.09 -25.60 13.42
N PRO A 127 5.63 -26.64 12.71
CA PRO A 127 4.42 -26.50 11.89
C PRO A 127 3.13 -26.65 12.70
N LEU A 128 2.14 -25.85 12.36
CA LEU A 128 0.94 -25.77 13.17
C LEU A 128 -0.06 -26.89 13.05
N LYS A 129 -0.94 -26.97 14.04
CA LYS A 129 -2.00 -27.98 14.11
C LYS A 129 -3.10 -27.69 13.09
N ARG A 130 -3.26 -26.41 12.76
CA ARG A 130 -4.34 -25.94 11.90
C ARG A 130 -3.80 -25.49 10.54
N PRO A 131 -4.62 -25.58 9.47
CA PRO A 131 -4.12 -25.31 8.11
C PRO A 131 -3.68 -23.89 7.86
N VAL A 132 -2.72 -23.73 6.97
CA VAL A 132 -2.23 -22.41 6.59
C VAL A 132 -2.14 -22.28 5.08
N VAL A 133 -3.07 -21.54 4.53
CA VAL A 133 -3.24 -21.57 3.11
C VAL A 133 -2.75 -20.29 2.46
N TYR A 134 -2.23 -20.41 1.25
CA TYR A 134 -1.78 -19.27 0.49
C TYR A 134 -2.43 -19.19 -0.88
N MET A 135 -2.78 -17.96 -1.25
CA MET A 135 -3.64 -17.68 -2.39
C MET A 135 -3.10 -16.48 -3.14
N LYS A 136 -3.41 -16.41 -4.44
CA LYS A 136 -3.03 -15.25 -5.21
C LYS A 136 -3.82 -15.13 -6.48
N GLY A 137 -3.54 -14.06 -7.21
CA GLY A 137 -4.16 -13.84 -8.49
C GLY A 137 -5.64 -13.57 -8.38
N MET A 138 -6.37 -14.00 -9.40
CA MET A 138 -7.80 -13.73 -9.44
C MET A 138 -8.55 -14.30 -8.24
N ASP A 139 -8.07 -15.43 -7.68
CA ASP A 139 -8.71 -16.03 -6.53
C ASP A 139 -8.54 -15.14 -5.30
N ALA A 140 -7.31 -14.69 -5.07
CA ALA A 140 -7.06 -13.82 -3.93
C ALA A 140 -7.87 -12.56 -4.08
N ILE A 141 -7.86 -12.01 -5.28
CA ILE A 141 -8.63 -10.82 -5.51
C ILE A 141 -10.10 -11.05 -5.22
N LYS A 142 -10.65 -12.16 -5.72
CA LYS A 142 -12.05 -12.43 -5.53
C LYS A 142 -12.39 -12.42 -4.05
N LEU A 143 -11.53 -13.06 -3.27
CA LEU A 143 -11.66 -13.15 -1.82
C LEU A 143 -11.63 -11.80 -1.11
N MET A 144 -10.72 -10.93 -1.49
CA MET A 144 -10.65 -9.61 -0.85
C MET A 144 -11.87 -8.74 -1.10
N ASN A 145 -12.54 -8.96 -2.22
CA ASN A 145 -13.70 -8.16 -2.52
C ASN A 145 -14.89 -8.54 -1.69
N ILE A 146 -14.96 -9.82 -1.40
CA ILE A 146 -16.02 -10.30 -0.57
C ILE A 146 -15.86 -9.68 0.82
N VAL A 147 -14.66 -9.87 1.36
CA VAL A 147 -14.32 -9.31 2.64
C VAL A 147 -14.75 -7.86 2.66
N ASN A 148 -14.41 -7.16 1.58
CA ASN A 148 -14.67 -5.75 1.50
C ASN A 148 -16.11 -5.30 1.41
N LYS A 149 -16.97 -6.06 0.77
CA LYS A 149 -18.31 -5.56 0.46
C LYS A 149 -19.45 -6.27 1.18
N GLN A 150 -19.32 -7.59 1.30
CA GLN A 150 -20.28 -8.41 2.05
C GLN A 150 -20.22 -8.13 3.52
N LYS A 151 -21.35 -8.35 4.19
CA LYS A 151 -21.44 -8.13 5.64
C LYS A 151 -20.99 -9.35 6.42
N GLY A 152 -21.25 -10.55 5.91
CA GLY A 152 -20.70 -11.78 6.51
C GLY A 152 -20.57 -12.91 5.53
N ALA A 153 -19.51 -13.69 5.68
CA ALA A 153 -19.31 -14.87 4.85
C ALA A 153 -18.62 -15.96 5.62
N ARG A 154 -18.79 -17.20 5.20
CA ARG A 154 -18.17 -18.35 5.83
C ARG A 154 -17.28 -19.04 4.85
N ALA A 155 -16.14 -19.47 5.35
CA ALA A 155 -15.15 -20.12 4.55
C ALA A 155 -15.06 -21.61 4.90
N ARG A 156 -15.04 -22.43 3.87
CA ARG A 156 -14.86 -23.87 4.00
C ARG A 156 -13.66 -24.36 3.19
N ILE A 157 -12.52 -24.48 3.85
CA ILE A 157 -11.34 -25.01 3.23
C ILE A 157 -11.53 -26.51 3.16
N GLN A 158 -11.32 -27.07 1.97
CA GLN A 158 -11.59 -28.47 1.72
C GLN A 158 -10.36 -29.14 1.14
N HIS A 159 -10.21 -30.41 1.43
CA HIS A 159 -9.07 -31.20 1.00
C HIS A 159 -9.55 -32.47 0.31
N ARG A 160 -8.97 -32.82 -0.85
CA ARG A 160 -9.45 -33.96 -1.65
C ARG A 160 -8.20 -34.68 -2.19
N PRO A 161 -8.29 -35.99 -2.52
CA PRO A 161 -7.12 -36.90 -2.55
C PRO A 161 -5.92 -36.43 -3.39
N ILE B 8 -10.83 8.06 2.61
CA ILE B 8 -10.25 7.92 4.00
C ILE B 8 -8.73 8.07 3.98
N CYS B 9 -7.99 7.16 4.60
CA CYS B 9 -6.54 7.08 4.43
C CYS B 9 -5.73 8.35 4.84
N LYS B 10 -6.12 8.93 5.98
CA LYS B 10 -5.48 10.14 6.54
C LYS B 10 -4.43 9.74 7.58
N GLY B 11 -3.35 10.49 7.69
CA GLY B 11 -2.26 10.20 8.62
C GLY B 11 -1.33 9.03 8.26
N CYS B 12 -1.64 8.28 7.19
CA CYS B 12 -0.81 7.12 6.86
C CYS B 12 0.59 7.52 6.34
N LEU B 13 1.63 6.80 6.78
CA LEU B 13 2.90 6.89 6.12
C LEU B 13 2.69 6.13 4.82
N SER B 14 2.25 4.87 4.89
CA SER B 14 1.87 4.10 3.70
C SER B 14 0.45 3.60 3.88
N CYS B 15 -0.22 3.34 2.78
CA CYS B 15 -1.67 3.12 2.84
C CYS B 15 -2.15 2.25 1.71
N SER B 16 -2.59 1.02 1.98
CA SER B 16 -3.12 0.13 0.92
C SER B 16 -4.62 0.19 0.83
N LYS B 17 -5.15 -0.27 -0.28
CA LYS B 17 -6.58 -0.35 -0.46
C LYS B 17 -7.19 -1.33 0.50
N ASP B 18 -6.47 -2.42 0.76
CA ASP B 18 -7.09 -3.52 1.46
C ASP B 18 -6.88 -3.51 2.98
N ASN B 19 -5.81 -2.88 3.45
CA ASN B 19 -5.49 -2.84 4.87
C ASN B 19 -5.55 -1.43 5.50
N GLY B 20 -5.81 -0.41 4.72
CA GLY B 20 -5.90 0.95 5.24
C GLY B 20 -4.50 1.42 5.55
N CYS B 21 -4.31 2.20 6.60
CA CYS B 21 -2.95 2.60 6.95
C CYS B 21 -2.16 1.39 7.41
N LEU B 22 -0.86 1.46 7.24
CA LEU B 22 0.03 0.35 7.59
C LEU B 22 1.05 0.78 8.62
N ARG B 23 1.60 1.97 8.40
CA ARG B 23 2.48 2.61 9.33
C ARG B 23 1.88 4.02 9.46
N CYS B 24 2.15 4.70 10.57
CA CYS B 24 1.69 6.08 10.77
C CYS B 24 2.80 7.09 10.63
N GLN B 25 2.42 8.36 10.50
CA GLN B 25 3.38 9.49 10.60
C GLN B 25 3.90 9.55 12.00
N PRO B 26 4.97 10.31 12.25
CA PRO B 26 5.68 10.12 13.49
C PRO B 26 4.90 10.36 14.80
N LYS B 27 4.15 11.44 14.87
CA LYS B 27 3.51 11.83 16.13
C LYS B 27 2.17 11.12 16.46
N LEU B 28 1.56 10.42 15.50
CA LEU B 28 0.15 10.03 15.58
C LEU B 28 -0.01 8.63 16.15
N PHE B 29 -1.27 8.17 16.28
CA PHE B 29 -1.60 6.86 16.88
C PHE B 29 -2.33 5.84 15.93
N PHE B 30 -1.84 4.61 15.93
CA PHE B 30 -2.34 3.57 15.07
C PHE B 30 -3.56 2.95 15.75
N TYR B 31 -4.63 2.77 14.96
CA TYR B 31 -5.92 2.29 15.46
C TYR B 31 -6.52 1.35 14.48
N LEU B 32 -6.83 0.13 14.95
CA LEU B 32 -7.37 -0.88 14.09
C LEU B 32 -8.89 -0.89 14.15
N ARG B 33 -9.51 -0.28 13.15
CA ARG B 33 -10.94 -0.20 13.12
C ARG B 33 -11.41 -1.51 12.59
N ARG B 34 -12.28 -2.16 13.34
CA ARG B 34 -12.97 -3.38 12.94
C ARG B 34 -14.32 -2.94 12.44
N GLU B 35 -14.73 -3.45 11.30
CA GLU B 35 -15.98 -3.03 10.69
C GLU B 35 -16.53 -4.20 9.90
N GLY B 36 -17.18 -5.12 10.60
CA GLY B 36 -17.61 -6.38 9.99
C GLY B 36 -16.41 -7.29 9.87
N MET B 37 -16.30 -8.00 8.74
CA MET B 37 -15.15 -8.85 8.48
C MET B 37 -13.89 -8.02 8.34
N ARG B 38 -14.02 -6.72 8.06
CA ARG B 38 -12.83 -5.92 7.76
C ARG B 38 -12.11 -5.51 9.01
N GLN B 39 -10.85 -5.12 8.83
CA GLN B 39 -10.07 -4.48 9.88
C GLN B 39 -9.01 -3.70 9.18
N TYR B 40 -8.90 -2.41 9.46
CA TYR B 40 -7.93 -1.60 8.72
C TYR B 40 -7.31 -0.50 9.57
N GLY B 41 -6.20 0.05 9.08
CA GLY B 41 -5.45 1.03 9.84
C GLY B 41 -6.06 2.40 9.76
N GLU B 42 -6.05 3.12 10.89
CA GLU B 42 -6.26 4.56 10.91
C GLU B 42 -5.14 5.15 11.73
N CYS B 43 -4.70 6.33 11.34
CA CYS B 43 -3.65 7.03 12.05
C CYS B 43 -4.19 8.29 12.67
N LEU B 44 -4.34 8.30 13.99
CA LEU B 44 -5.07 9.34 14.70
C LEU B 44 -4.23 10.28 15.51
N GLN B 45 -4.77 11.47 15.64
CA GLN B 45 -4.20 12.53 16.46
C GLN B 45 -4.16 12.10 17.93
N SER B 46 -5.31 11.62 18.40
CA SER B 46 -5.50 11.20 19.75
C SER B 46 -6.41 9.95 19.63
N CYS B 47 -6.50 9.13 20.66
CA CYS B 47 -7.25 7.88 20.54
C CYS B 47 -8.73 8.12 20.73
N PRO B 48 -9.57 7.29 20.11
CA PRO B 48 -11.02 7.53 20.17
C PRO B 48 -11.58 7.31 21.54
N PRO B 49 -12.79 7.78 21.78
CA PRO B 49 -13.43 7.49 23.05
C PRO B 49 -13.53 6.00 23.23
N GLY B 50 -13.26 5.51 24.45
CA GLY B 50 -13.23 4.08 24.77
C GLY B 50 -11.82 3.46 24.68
N TYR B 51 -10.84 4.30 24.34
CA TYR B 51 -9.49 3.82 24.08
C TYR B 51 -8.46 4.70 24.77
N TYR B 52 -7.30 4.11 25.02
CA TYR B 52 -6.16 4.86 25.45
C TYR B 52 -4.97 4.53 24.56
N GLY B 53 -3.98 5.39 24.58
CA GLY B 53 -2.79 5.20 23.76
C GLY B 53 -1.57 4.81 24.56
N VAL B 54 -0.63 4.18 23.86
CA VAL B 54 0.59 3.63 24.40
C VAL B 54 1.69 3.98 23.41
N ARG B 55 2.70 4.72 23.89
CA ARG B 55 3.74 5.24 23.00
C ARG B 55 4.92 4.31 23.00
N GLY B 56 4.73 3.13 22.43
CA GLY B 56 5.80 2.14 22.35
C GLY B 56 7.09 2.67 21.67
N PRO B 57 8.21 1.96 21.88
CA PRO B 57 9.47 2.46 21.31
C PRO B 57 9.38 2.50 19.78
N ASP B 58 8.84 1.41 19.25
CA ASP B 58 8.67 1.21 17.81
C ASP B 58 7.56 2.13 17.26
N MET B 59 6.34 1.97 17.79
CA MET B 59 5.15 2.70 17.32
C MET B 59 4.11 2.99 18.39
N ASN B 60 3.34 4.05 18.18
CA ASN B 60 2.26 4.42 19.08
C ASN B 60 0.97 3.78 18.62
N ARG B 61 0.10 3.40 19.53
CA ARG B 61 -1.15 2.71 19.13
C ARG B 61 -2.21 2.73 20.20
N CYS B 62 -3.44 2.52 19.79
CA CYS B 62 -4.58 2.58 20.69
C CYS B 62 -4.86 1.22 21.27
N SER B 63 -5.35 1.20 22.49
CA SER B 63 -5.93 -0.02 23.05
C SER B 63 -7.26 0.26 23.72
N ARG B 64 -8.17 -0.70 23.68
CA ARG B 64 -9.46 -0.52 24.31
C ARG B 64 -9.38 -0.58 25.84
N CYS B 65 -10.30 0.11 26.49
CA CYS B 65 -10.26 0.29 27.93
C CYS B 65 -10.36 -0.98 28.80
N ARG B 66 -11.53 -1.61 28.87
CA ARG B 66 -11.71 -2.85 29.67
C ARG B 66 -11.69 -2.73 31.20
N ILE B 67 -11.99 -1.57 31.73
CA ILE B 67 -12.12 -1.34 33.15
C ILE B 67 -13.59 -1.05 33.39
N GLU B 68 -14.32 -2.00 33.99
CA GLU B 68 -15.75 -1.75 34.25
C GLU B 68 -15.95 -0.36 34.89
N ASN B 69 -16.84 0.40 34.29
CA ASN B 69 -17.28 1.71 34.80
C ASN B 69 -16.24 2.80 34.71
N CYS B 70 -15.30 2.66 33.79
CA CYS B 70 -14.35 3.73 33.57
C CYS B 70 -14.95 4.65 32.53
N ASP B 71 -14.50 5.90 32.49
CA ASP B 71 -14.78 6.77 31.35
C ASP B 71 -13.58 7.24 30.57
N SER B 72 -12.45 7.45 31.25
CA SER B 72 -11.15 7.63 30.56
C SER B 72 -10.05 6.71 31.12
N CYS B 73 -9.70 5.69 30.36
CA CYS B 73 -8.50 4.94 30.67
C CYS B 73 -7.29 5.86 30.48
N PHE B 74 -6.27 5.62 31.28
CA PHE B 74 -4.95 6.14 30.95
C PHE B 74 -4.16 4.97 30.42
N SER B 75 -3.99 3.93 31.26
CA SER B 75 -3.25 2.74 30.87
C SER B 75 -4.27 1.60 30.92
N ARG B 76 -3.84 0.37 30.64
CA ARG B 76 -4.73 -0.81 30.68
C ARG B 76 -5.36 -1.08 32.04
N ASP B 77 -4.65 -0.73 33.12
CA ASP B 77 -5.07 -1.03 34.48
C ASP B 77 -5.30 0.22 35.33
N PHE B 78 -5.41 1.40 34.71
CA PHE B 78 -5.63 2.63 35.47
C PHE B 78 -6.67 3.57 34.84
N CYS B 79 -7.69 3.89 35.63
CA CYS B 79 -8.73 4.78 35.21
C CYS B 79 -8.52 6.14 35.86
N ILE B 80 -8.74 7.27 35.16
CA ILE B 80 -8.55 8.60 35.76
C ILE B 80 -9.88 9.26 36.09
N LYS B 81 -10.89 9.07 35.24
CA LYS B 81 -12.26 9.51 35.53
C LYS B 81 -13.28 8.37 35.49
N CYS B 82 -13.74 7.94 36.68
CA CYS B 82 -14.77 6.91 36.82
C CYS B 82 -16.15 7.44 36.38
N LYS B 83 -17.16 6.59 36.35
CA LYS B 83 -18.52 7.02 35.97
C LYS B 83 -19.19 7.84 37.08
N SER B 84 -20.14 8.71 36.70
CA SER B 84 -21.00 9.38 37.69
C SER B 84 -21.64 8.30 38.53
N GLY B 85 -21.40 8.36 39.85
CA GLY B 85 -21.99 7.46 40.84
C GLY B 85 -21.03 6.40 41.38
N PHE B 86 -19.71 6.57 41.21
CA PHE B 86 -18.77 5.46 41.41
C PHE B 86 -17.52 5.82 42.18
N TYR B 87 -16.98 4.86 42.95
CA TYR B 87 -15.82 5.09 43.87
C TYR B 87 -14.47 4.67 43.28
N SER B 88 -13.48 5.55 43.37
CA SER B 88 -12.17 5.29 42.79
C SER B 88 -11.27 4.55 43.77
N HIS B 89 -10.81 3.37 43.39
CA HIS B 89 -9.98 2.54 44.27
C HIS B 89 -8.84 1.80 43.52
N LYS B 90 -7.58 2.06 43.91
CA LYS B 90 -6.40 1.46 43.27
C LYS B 90 -6.53 1.47 41.76
N GLY B 91 -7.03 2.56 41.19
CA GLY B 91 -7.25 2.62 39.74
C GLY B 91 -8.67 2.32 39.25
N GLN B 92 -9.35 1.39 39.94
CA GLN B 92 -10.59 0.78 39.49
C GLN B 92 -11.78 1.57 39.95
N CYS B 93 -12.96 1.16 39.46
CA CYS B 93 -14.21 1.86 39.75
C CYS B 93 -15.18 0.93 40.44
N PHE B 94 -15.82 1.39 41.51
CA PHE B 94 -16.71 0.55 42.31
C PHE B 94 -18.04 1.24 42.63
N GLU B 95 -19.15 0.53 42.40
CA GLU B 95 -20.48 0.98 42.85
C GLU B 95 -20.40 1.20 44.34
N GLU B 96 -19.96 0.15 45.02
CA GLU B 96 -19.73 0.15 46.45
C GLU B 96 -18.27 -0.28 46.66
N CYS B 97 -17.62 0.34 47.65
CA CYS B 97 -16.19 0.22 47.85
C CYS B 97 -15.80 -1.07 48.60
N PRO B 98 -15.01 -1.96 47.93
CA PRO B 98 -14.81 -3.34 48.38
C PRO B 98 -14.29 -3.43 49.81
N GLU B 99 -14.49 -4.61 50.40
CA GLU B 99 -14.22 -4.81 51.81
C GLU B 99 -12.73 -4.66 52.13
N GLY B 100 -12.44 -3.99 53.25
CA GLY B 100 -11.07 -3.61 53.60
C GLY B 100 -10.99 -2.11 53.84
N PHE B 101 -11.65 -1.33 52.99
CA PHE B 101 -11.68 0.11 53.19
C PHE B 101 -12.86 0.82 52.54
N ALA B 102 -13.13 2.00 53.08
CA ALA B 102 -14.42 2.69 52.98
C ALA B 102 -14.26 4.18 52.60
N PRO B 103 -15.38 4.84 52.22
CA PRO B 103 -15.28 6.10 51.50
C PRO B 103 -14.72 7.25 52.33
N LEU B 104 -13.95 8.14 51.73
CA LEU B 104 -13.42 9.30 52.43
C LEU B 104 -14.41 10.48 52.41
N ASP B 105 -14.60 11.13 53.56
CA ASP B 105 -15.48 12.31 53.67
C ASP B 105 -15.03 13.48 52.78
N ASP B 106 -15.96 13.96 51.95
CA ASP B 106 -15.78 15.13 51.06
C ASP B 106 -15.06 14.80 49.72
N THR B 107 -14.91 13.50 49.35
CA THR B 107 -13.94 13.10 48.26
C THR B 107 -14.32 12.04 47.19
N MET B 108 -15.06 10.99 47.55
CA MET B 108 -15.45 9.90 46.60
C MET B 108 -14.35 8.84 46.29
N VAL B 109 -13.17 9.00 46.88
CA VAL B 109 -12.11 7.98 46.84
C VAL B 109 -12.28 7.00 48.02
N CYS B 110 -11.30 6.13 48.30
CA CYS B 110 -11.43 5.20 49.46
C CYS B 110 -10.18 5.03 50.35
N ALA C 7 -20.20 1.93 -22.79
CA ALA C 7 -18.97 1.13 -22.48
C ALA C 7 -17.77 1.68 -23.24
N LYS C 8 -16.56 1.42 -22.74
CA LYS C 8 -15.30 1.91 -23.36
C LYS C 8 -14.44 0.80 -23.97
N GLU C 9 -13.78 1.12 -25.08
CA GLU C 9 -13.04 0.11 -25.84
C GLU C 9 -11.78 -0.31 -25.12
N THR C 10 -11.43 -1.57 -25.28
CA THR C 10 -10.23 -2.10 -24.65
C THR C 10 -8.95 -1.77 -25.40
N ALA C 11 -7.92 -1.39 -24.63
CA ALA C 11 -6.58 -1.18 -25.09
C ALA C 11 -5.77 -2.40 -24.74
N PHE C 12 -5.31 -3.12 -25.76
CA PHE C 12 -4.52 -4.32 -25.52
C PHE C 12 -3.07 -3.90 -25.48
N VAL C 13 -2.51 -3.90 -24.28
CA VAL C 13 -1.15 -3.44 -24.08
C VAL C 13 -0.21 -4.62 -24.04
N GLU C 14 0.48 -4.84 -25.13
CA GLU C 14 1.43 -5.93 -25.22
C GLU C 14 2.72 -5.36 -24.66
N VAL C 15 3.37 -6.08 -23.75
CA VAL C 15 4.64 -5.60 -23.19
C VAL C 15 5.76 -6.54 -23.51
N VAL C 16 6.75 -6.00 -24.20
CA VAL C 16 7.85 -6.79 -24.65
C VAL C 16 9.02 -6.60 -23.74
N LEU C 17 9.62 -7.71 -23.32
CA LEU C 17 10.89 -7.65 -22.65
C LEU C 17 11.84 -8.25 -23.61
N PHE C 18 13.07 -7.72 -23.65
CA PHE C 18 14.05 -8.14 -24.66
C PHE C 18 15.44 -8.38 -24.14
N GLU C 19 16.07 -9.45 -24.60
CA GLU C 19 17.44 -9.68 -24.23
C GLU C 19 18.36 -9.84 -25.45
N SER C 20 19.39 -8.98 -25.53
CA SER C 20 20.35 -9.00 -26.61
C SER C 20 21.46 -9.98 -26.29
N SER C 21 21.76 -10.90 -27.21
CA SER C 21 23.03 -11.62 -27.16
C SER C 21 24.24 -10.70 -27.39
N PRO C 22 25.41 -11.11 -26.90
CA PRO C 22 26.58 -10.33 -27.30
C PRO C 22 26.74 -10.38 -28.83
N ASN C 23 26.39 -11.52 -29.43
CA ASN C 23 26.14 -11.65 -30.89
C ASN C 23 25.59 -10.42 -31.63
N GLY C 24 24.55 -9.82 -31.06
CA GLY C 24 23.91 -8.64 -31.64
C GLY C 24 22.47 -8.92 -31.96
N ASP C 25 22.09 -10.19 -32.05
CA ASP C 25 20.68 -10.57 -32.10
C ASP C 25 20.02 -10.25 -30.75
N TYR C 26 18.73 -9.95 -30.82
CA TYR C 26 17.88 -9.83 -29.64
C TYR C 26 16.96 -11.03 -29.60
N LYS C 27 16.46 -11.33 -28.42
CA LYS C 27 15.30 -12.21 -28.33
C LYS C 27 14.41 -11.71 -27.21
N THR C 28 13.12 -12.00 -27.37
CA THR C 28 12.10 -11.33 -26.58
C THR C 28 11.01 -12.26 -26.13
N HIS C 29 10.38 -11.85 -25.03
CA HIS C 29 9.32 -12.59 -24.41
C HIS C 29 8.23 -11.53 -24.11
N THR C 30 6.99 -11.82 -24.48
CA THR C 30 5.91 -10.86 -24.57
C THR C 30 4.82 -11.14 -23.52
N THR C 31 4.03 -10.13 -23.15
CA THR C 31 3.08 -10.26 -22.02
C THR C 31 1.80 -9.44 -22.23
N GLU C 32 0.68 -10.08 -22.50
CA GLU C 32 -0.52 -9.35 -22.86
C GLU C 32 -1.29 -8.79 -21.64
N LEU C 33 -1.43 -7.46 -21.55
CA LEU C 33 -2.20 -6.80 -20.51
C LEU C 33 -3.34 -6.00 -21.12
N GLN C 34 -4.31 -5.60 -20.30
CA GLN C 34 -5.47 -4.89 -20.82
C GLN C 34 -5.88 -3.65 -20.02
N GLY C 35 -6.30 -2.59 -20.72
CA GLY C 35 -6.82 -1.38 -20.11
C GLY C 35 -7.85 -0.81 -21.05
N ARG C 36 -8.18 0.46 -20.88
CA ARG C 36 -9.20 1.13 -21.67
C ARG C 36 -8.69 2.42 -22.25
N PHE C 37 -9.11 2.79 -23.46
CA PHE C 37 -8.87 4.16 -23.98
C PHE C 37 -9.94 5.07 -23.38
N SER C 38 -9.59 6.31 -23.09
CA SER C 38 -10.53 7.23 -22.46
C SER C 38 -10.86 8.34 -23.41
N ARG C 39 -11.92 9.10 -23.13
CA ARG C 39 -12.22 10.27 -23.94
C ARG C 39 -11.10 11.29 -23.98
N ALA C 40 -10.28 11.28 -22.94
CA ALA C 40 -9.24 12.29 -22.80
C ALA C 40 -8.22 12.26 -23.92
N GLY C 41 -8.04 11.08 -24.51
CA GLY C 41 -7.11 10.92 -25.60
C GLY C 41 -7.70 10.19 -26.78
N ALA C 42 -6.84 9.72 -27.68
CA ALA C 42 -7.23 9.05 -28.93
C ALA C 42 -7.42 7.55 -28.80
N THR C 43 -7.86 6.93 -29.88
CA THR C 43 -8.17 5.52 -29.91
C THR C 43 -7.41 4.85 -31.01
N ILE C 44 -6.11 5.07 -30.92
CA ILE C 44 -5.19 4.62 -31.92
C ILE C 44 -4.14 3.77 -31.27
N SER C 45 -3.59 2.88 -32.06
CA SER C 45 -2.43 2.13 -31.63
C SER C 45 -1.24 3.06 -31.49
N ALA C 46 -0.30 2.64 -30.64
CA ALA C 46 0.92 3.41 -30.33
C ALA C 46 1.96 2.49 -29.69
N GLU C 47 3.22 2.90 -29.71
CA GLU C 47 4.30 2.00 -29.33
C GLU C 47 5.52 2.79 -28.90
N GLY C 48 6.19 2.35 -27.84
CA GLY C 48 7.44 3.01 -27.46
C GLY C 48 8.03 2.45 -26.19
N GLU C 49 9.24 2.90 -25.86
CA GLU C 49 9.91 2.48 -24.66
C GLU C 49 9.14 3.04 -23.46
N ILE C 50 9.10 2.27 -22.39
CA ILE C 50 8.31 2.67 -21.25
C ILE C 50 9.15 3.57 -20.37
N VAL C 51 8.51 4.54 -19.71
CA VAL C 51 9.20 5.45 -18.82
C VAL C 51 8.24 5.81 -17.72
N GLN C 52 8.52 5.36 -16.50
CA GLN C 52 7.69 5.78 -15.41
C GLN C 52 7.79 7.27 -15.24
N MET C 53 6.73 7.91 -14.78
CA MET C 53 6.85 9.28 -14.34
C MET C 53 6.18 9.41 -12.98
N HIS C 54 6.92 9.88 -12.01
CA HIS C 54 6.35 10.26 -10.74
C HIS C 54 5.32 11.34 -11.02
N PRO C 55 4.20 11.29 -10.33
CA PRO C 55 3.15 12.24 -10.61
C PRO C 55 3.55 13.73 -10.35
N LEU C 56 4.54 13.97 -9.50
CA LEU C 56 5.15 15.32 -9.40
C LEU C 56 6.26 15.58 -10.37
N GLY C 57 6.53 14.64 -11.26
CA GLY C 57 7.46 14.88 -12.34
C GLY C 57 6.78 15.74 -13.40
N LEU C 58 5.46 15.76 -13.37
CA LEU C 58 4.70 16.45 -14.39
C LEU C 58 4.05 17.71 -13.90
N CYS C 59 4.77 18.82 -13.92
CA CYS C 59 4.21 20.09 -13.51
C CYS C 59 4.69 21.22 -14.40
N ASN C 60 3.90 22.30 -14.47
CA ASN C 60 4.29 23.48 -15.23
C ASN C 60 5.47 24.23 -14.60
N ASN C 61 6.00 23.79 -13.44
CA ASN C 61 7.28 24.32 -12.91
C ASN C 61 8.25 24.60 -14.06
N ASN C 62 8.49 25.89 -14.34
CA ASN C 62 9.18 26.35 -15.57
C ASN C 62 10.70 26.07 -15.62
N ASP C 63 11.25 25.50 -14.54
CA ASP C 63 12.62 25.00 -14.58
C ASP C 63 12.68 24.06 -15.78
N GLU C 64 13.50 24.41 -16.79
CA GLU C 64 13.83 23.53 -17.90
C GLU C 64 14.05 22.11 -17.35
N GLU C 65 13.31 21.14 -17.90
CA GLU C 65 13.37 19.73 -17.46
C GLU C 65 14.30 19.00 -18.39
N ASP C 66 14.65 17.77 -18.03
CA ASP C 66 15.48 16.95 -18.91
C ASP C 66 14.78 16.59 -20.19
N LEU C 67 15.58 16.55 -21.25
CA LEU C 67 15.12 16.04 -22.52
C LEU C 67 14.98 14.56 -22.31
N TYR C 68 13.81 14.00 -22.64
CA TYR C 68 13.72 12.57 -22.89
C TYR C 68 13.60 12.36 -24.39
N GLU C 69 14.27 11.33 -24.91
CA GLU C 69 14.17 11.00 -26.31
C GLU C 69 12.69 10.94 -26.70
N TYR C 70 12.32 11.62 -27.78
CA TYR C 70 10.94 11.58 -28.25
C TYR C 70 10.42 10.16 -28.35
N GLY C 71 9.13 9.99 -28.22
CA GLY C 71 8.51 8.68 -28.53
C GLY C 71 8.40 7.69 -27.38
N TRP C 72 8.52 8.20 -26.16
CA TRP C 72 8.41 7.33 -25.01
C TRP C 72 6.94 7.09 -24.62
N VAL C 73 6.66 5.98 -23.95
CA VAL C 73 5.33 5.69 -23.41
C VAL C 73 5.32 5.87 -21.89
N GLY C 74 4.52 6.81 -21.41
CA GLY C 74 4.57 7.24 -20.03
C GLY C 74 3.71 6.39 -19.16
N VAL C 75 4.27 5.92 -18.07
CA VAL C 75 3.50 5.14 -17.13
C VAL C 75 3.47 5.87 -15.79
N VAL C 76 2.28 6.18 -15.33
CA VAL C 76 2.08 6.99 -14.13
C VAL C 76 1.15 6.27 -13.20
N LYS C 77 1.51 6.18 -11.92
CA LYS C 77 0.72 5.50 -10.91
C LYS C 77 0.20 6.54 -9.95
N LEU C 78 -1.12 6.64 -9.80
CA LEU C 78 -1.73 7.70 -8.99
C LEU C 78 -2.00 7.30 -7.55
N GLU C 79 -1.98 8.31 -6.68
CA GLU C 79 -2.17 8.11 -5.26
C GLU C 79 -3.54 8.58 -4.69
N GLN C 80 -3.92 7.94 -3.59
CA GLN C 80 -5.14 8.26 -2.92
C GLN C 80 -5.11 9.73 -2.82
N PRO C 81 -6.14 10.39 -3.33
CA PRO C 81 -6.08 11.87 -3.43
C PRO C 81 -5.62 12.63 -2.16
N GLU C 82 -5.76 12.04 -0.97
CA GLU C 82 -5.30 12.65 0.28
C GLU C 82 -3.83 12.31 0.64
N MET C 83 -3.16 11.52 -0.21
CA MET C 83 -1.70 11.34 -0.13
C MET C 83 -0.96 12.38 -0.97
N ASP C 84 -1.52 12.70 -2.15
CA ASP C 84 -1.12 13.86 -2.92
C ASP C 84 -2.31 14.84 -3.08
N PRO C 85 -2.44 15.75 -2.11
CA PRO C 85 -3.65 16.58 -1.98
C PRO C 85 -3.69 17.87 -2.79
N LYS C 86 -2.53 18.44 -3.13
CA LYS C 86 -2.49 19.77 -3.78
C LYS C 86 -1.88 19.70 -5.18
N PRO C 87 -2.58 19.05 -6.13
CA PRO C 87 -1.98 18.85 -7.43
C PRO C 87 -1.65 20.15 -8.19
N CYS C 88 -0.42 20.21 -8.69
CA CYS C 88 0.03 21.22 -9.63
C CYS C 88 -0.87 21.16 -10.86
N LEU C 89 -1.22 19.96 -11.29
CA LEU C 89 -2.07 19.76 -12.43
C LEU C 89 -3.15 18.75 -12.18
N THR C 90 -4.29 18.92 -12.84
CA THR C 90 -5.25 17.84 -12.89
C THR C 90 -4.59 16.68 -13.58
N VAL C 91 -5.10 15.51 -13.35
CA VAL C 91 -4.80 14.38 -14.18
C VAL C 91 -4.76 14.81 -15.69
N LEU C 92 -5.81 15.46 -16.19
CA LEU C 92 -5.87 15.86 -17.62
C LEU C 92 -4.58 16.58 -18.05
N GLY C 93 -4.15 17.50 -17.20
CA GLY C 93 -2.96 18.28 -17.44
C GLY C 93 -1.70 17.45 -17.44
N LYS C 94 -1.59 16.50 -16.50
CA LYS C 94 -0.44 15.59 -16.46
C LYS C 94 -0.26 14.80 -17.77
N ALA C 95 -1.35 14.28 -18.31
CA ALA C 95 -1.32 13.69 -19.63
C ALA C 95 -0.74 14.65 -20.64
N LYS C 96 -1.29 15.85 -20.66
CA LYS C 96 -0.96 16.84 -21.66
C LYS C 96 0.51 17.15 -21.57
N ARG C 97 1.00 17.32 -20.36
CA ARG C 97 2.40 17.67 -20.16
C ARG C 97 3.32 16.58 -20.68
N ALA C 98 2.95 15.33 -20.39
CA ALA C 98 3.73 14.20 -20.85
C ALA C 98 3.87 14.23 -22.36
N VAL C 99 2.78 14.50 -23.08
CA VAL C 99 2.85 14.54 -24.53
C VAL C 99 3.77 15.66 -24.96
N GLN C 100 3.58 16.84 -24.37
CA GLN C 100 4.47 17.97 -24.63
C GLN C 100 5.89 17.56 -24.55
N ARG C 101 6.23 16.69 -23.59
CA ARG C 101 7.61 16.29 -23.37
C ARG C 101 8.06 15.01 -24.14
N GLY C 102 7.22 14.60 -25.09
CA GLY C 102 7.63 13.59 -26.06
C GLY C 102 7.00 12.24 -25.91
N ALA C 103 6.07 12.11 -24.97
CA ALA C 103 5.34 10.88 -24.80
C ALA C 103 4.50 10.62 -26.05
N THR C 104 4.65 9.44 -26.64
CA THR C 104 3.78 9.03 -27.74
C THR C 104 2.42 8.50 -27.21
N ALA C 105 2.34 8.21 -25.93
CA ALA C 105 1.11 7.64 -25.34
C ALA C 105 1.28 7.66 -23.82
N VAL C 106 0.18 7.55 -23.07
CA VAL C 106 0.25 7.61 -21.60
C VAL C 106 -0.71 6.65 -20.92
N ILE C 107 -0.23 6.01 -19.85
CA ILE C 107 -0.97 4.98 -19.17
C ILE C 107 -1.04 5.25 -17.72
N PHE C 108 -2.25 5.35 -17.20
CA PHE C 108 -2.45 5.56 -15.78
C PHE C 108 -2.89 4.29 -15.07
N ASP C 109 -2.17 3.92 -14.02
CA ASP C 109 -2.77 3.04 -13.03
C ASP C 109 -3.70 3.88 -12.21
N VAL C 110 -4.95 3.49 -12.16
CA VAL C 110 -5.91 4.20 -11.37
C VAL C 110 -6.46 3.33 -10.24
N SER C 111 -5.77 2.21 -9.99
CA SER C 111 -6.11 1.22 -8.96
C SER C 111 -6.51 1.87 -7.62
N ASP C 112 -5.73 2.89 -7.26
CA ASP C 112 -5.84 3.52 -5.97
C ASP C 112 -6.51 4.91 -6.05
N ASN C 113 -7.29 5.17 -7.10
CA ASN C 113 -8.01 6.45 -7.27
C ASN C 113 -9.07 6.37 -8.38
N PRO C 114 -10.23 5.81 -8.09
CA PRO C 114 -11.11 5.52 -9.22
C PRO C 114 -11.64 6.80 -9.88
N ASP C 115 -11.82 7.85 -9.08
CA ASP C 115 -12.31 9.18 -9.54
C ASP C 115 -11.64 9.68 -10.82
N ALA C 116 -10.36 9.35 -10.94
CA ALA C 116 -9.59 9.67 -12.13
C ALA C 116 -10.34 9.26 -13.39
N VAL C 117 -10.90 8.06 -13.39
CA VAL C 117 -11.44 7.52 -14.61
C VAL C 117 -12.53 8.42 -15.15
N GLU C 118 -13.36 8.94 -14.25
CA GLU C 118 -14.43 9.85 -14.65
C GLU C 118 -13.85 11.22 -14.92
N GLN C 119 -12.82 11.62 -14.17
CA GLN C 119 -12.08 12.84 -14.48
C GLN C 119 -11.52 12.80 -15.92
N LEU C 120 -11.30 11.60 -16.46
CA LEU C 120 -10.74 11.44 -17.80
C LEU C 120 -11.79 11.23 -18.86
N ASN C 121 -12.95 10.76 -18.42
CA ASN C 121 -14.10 10.68 -19.30
C ASN C 121 -15.05 11.85 -19.10
N GLN C 122 -14.53 12.94 -18.53
CA GLN C 122 -15.15 14.27 -18.53
C GLN C 122 -15.10 14.83 -19.93
N GLY C 123 -13.90 14.84 -20.51
CA GLY C 123 -13.73 15.20 -21.91
C GLY C 123 -14.45 16.49 -22.24
N LEU C 124 -14.26 17.53 -21.43
CA LEU C 124 -14.89 18.82 -21.67
C LEU C 124 -13.95 19.71 -22.51
N GLU C 125 -12.63 19.61 -22.26
CA GLU C 125 -11.62 20.11 -23.19
C GLU C 125 -11.59 19.25 -24.45
N ASP C 126 -10.91 19.71 -25.50
CA ASP C 126 -10.68 18.82 -26.66
C ASP C 126 -9.70 17.68 -26.29
N PRO C 127 -9.96 16.48 -26.79
CA PRO C 127 -9.13 15.34 -26.40
C PRO C 127 -7.78 15.40 -27.06
N LEU C 128 -6.76 14.87 -26.39
CA LEU C 128 -5.39 14.89 -26.94
C LEU C 128 -5.33 14.09 -28.22
N LYS C 129 -4.24 14.25 -28.95
CA LYS C 129 -4.04 13.57 -30.23
C LYS C 129 -3.50 12.12 -30.05
N ARG C 130 -2.70 11.92 -29.02
CA ARG C 130 -2.09 10.64 -28.70
C ARG C 130 -2.95 9.96 -27.62
N PRO C 131 -2.89 8.61 -27.48
CA PRO C 131 -3.79 7.86 -26.58
C PRO C 131 -3.54 8.07 -25.09
N VAL C 132 -4.59 7.96 -24.29
CA VAL C 132 -4.45 8.01 -22.86
C VAL C 132 -5.16 6.82 -22.26
N VAL C 133 -4.42 5.91 -21.66
CA VAL C 133 -5.00 4.64 -21.24
C VAL C 133 -5.04 4.51 -19.76
N TYR C 134 -6.05 3.83 -19.26
CA TYR C 134 -6.20 3.58 -17.83
C TYR C 134 -6.37 2.11 -17.53
N MET C 135 -5.67 1.68 -16.49
CA MET C 135 -5.49 0.27 -16.20
C MET C 135 -5.68 0.08 -14.72
N LYS C 136 -6.03 -1.14 -14.32
CA LYS C 136 -6.13 -1.46 -12.91
C LYS C 136 -6.08 -2.93 -12.63
N GLY C 137 -6.11 -3.25 -11.33
CA GLY C 137 -6.17 -4.61 -10.87
C GLY C 137 -4.92 -5.38 -11.18
N MET C 138 -5.14 -6.67 -11.45
CA MET C 138 -4.18 -7.62 -11.99
C MET C 138 -3.16 -6.99 -12.94
N ASP C 139 -3.72 -6.41 -13.98
CA ASP C 139 -2.98 -5.92 -15.12
C ASP C 139 -2.07 -4.77 -14.71
N ALA C 140 -2.64 -3.82 -13.96
CA ALA C 140 -1.85 -2.69 -13.51
C ALA C 140 -0.76 -3.15 -12.64
N ILE C 141 -1.08 -4.02 -11.70
CA ILE C 141 -0.04 -4.55 -10.85
C ILE C 141 1.06 -5.19 -11.66
N LYS C 142 0.70 -6.02 -12.62
CA LYS C 142 1.73 -6.71 -13.38
C LYS C 142 2.66 -5.72 -14.01
N LEU C 143 2.07 -4.66 -14.57
CA LEU C 143 2.82 -3.60 -15.26
C LEU C 143 3.79 -2.89 -14.35
N MET C 144 3.35 -2.60 -13.12
CA MET C 144 4.24 -1.97 -12.15
C MET C 144 5.34 -2.92 -11.68
N ASN C 145 5.12 -4.21 -11.71
CA ASN C 145 6.17 -5.15 -11.35
C ASN C 145 7.26 -5.30 -12.41
N ILE C 146 6.92 -4.98 -13.65
CA ILE C 146 7.90 -4.90 -14.70
C ILE C 146 8.76 -3.65 -14.58
N VAL C 147 8.09 -2.51 -14.53
CA VAL C 147 8.78 -1.25 -14.40
C VAL C 147 9.76 -1.35 -13.25
N ASN C 148 9.28 -1.91 -12.13
CA ASN C 148 10.04 -2.02 -10.87
C ASN C 148 11.33 -2.75 -10.99
N LYS C 149 11.39 -3.77 -11.84
CA LYS C 149 12.47 -4.75 -11.78
C LYS C 149 13.27 -4.95 -13.07
N GLN C 150 12.57 -4.95 -14.20
CA GLN C 150 13.20 -5.05 -15.51
C GLN C 150 14.03 -3.85 -15.88
N LYS C 151 15.06 -4.10 -16.69
CA LYS C 151 16.02 -3.06 -17.07
C LYS C 151 15.42 -2.21 -18.12
N GLY C 152 14.82 -2.86 -19.11
CA GLY C 152 14.10 -2.15 -20.14
C GLY C 152 12.97 -2.97 -20.72
N ALA C 153 11.89 -2.28 -21.10
CA ALA C 153 10.79 -2.94 -21.80
C ALA C 153 10.18 -1.99 -22.80
N ARG C 154 9.46 -2.55 -23.76
CA ARG C 154 8.73 -1.78 -24.73
C ARG C 154 7.23 -2.11 -24.71
N ALA C 155 6.43 -1.08 -24.90
CA ALA C 155 4.98 -1.16 -24.80
C ALA C 155 4.28 -0.93 -26.12
N ARG C 156 3.37 -1.82 -26.46
CA ARG C 156 2.65 -1.78 -27.73
C ARG C 156 1.17 -1.78 -27.50
N ILE C 157 0.60 -0.57 -27.45
CA ILE C 157 -0.81 -0.40 -27.25
C ILE C 157 -1.45 -0.68 -28.57
N GLN C 158 -2.45 -1.54 -28.56
CA GLN C 158 -3.08 -2.01 -29.77
C GLN C 158 -4.59 -1.78 -29.71
N HIS C 159 -5.20 -1.55 -30.87
CA HIS C 159 -6.62 -1.28 -30.98
C HIS C 159 -7.25 -2.23 -31.97
N ARG C 160 -8.39 -2.87 -31.65
CA ARG C 160 -9.01 -3.93 -32.51
C ARG C 160 -10.54 -4.11 -32.53
N PRO C 161 -11.26 -3.39 -33.39
CA PRO C 161 -12.70 -3.72 -33.48
C PRO C 161 -13.00 -4.85 -34.47
N ILE D 8 14.53 2.12 0.65
CA ILE D 8 14.58 2.85 1.96
C ILE D 8 13.21 3.57 2.22
N CYS D 9 12.81 4.53 1.37
CA CYS D 9 11.63 5.36 1.68
C CYS D 9 11.80 6.09 3.08
N LYS D 10 13.05 6.47 3.35
CA LYS D 10 13.40 7.24 4.53
C LYS D 10 13.16 8.73 4.23
N GLY D 11 12.87 9.49 5.29
CA GLY D 11 12.55 10.91 5.17
C GLY D 11 11.13 11.19 4.65
N CYS D 12 10.43 10.16 4.16
CA CYS D 12 9.12 10.42 3.55
C CYS D 12 8.13 10.79 4.63
N LEU D 13 7.26 11.73 4.33
CA LEU D 13 6.08 11.95 5.15
C LEU D 13 4.98 10.98 4.71
N SER D 14 4.83 10.80 3.40
CA SER D 14 4.07 9.68 2.86
C SER D 14 4.90 9.01 1.77
N CYS D 15 4.61 7.74 1.52
CA CYS D 15 5.52 6.87 0.82
C CYS D 15 4.73 5.83 0.06
N SER D 16 5.24 5.40 -1.09
CA SER D 16 4.51 4.43 -1.96
C SER D 16 5.42 3.35 -2.54
N LYS D 17 4.98 2.10 -2.64
CA LYS D 17 5.82 1.03 -3.25
C LYS D 17 6.47 1.54 -4.53
N ASP D 18 5.64 2.10 -5.41
CA ASP D 18 6.04 2.42 -6.77
C ASP D 18 6.61 3.82 -6.99
N ASN D 19 6.10 4.81 -6.25
CA ASN D 19 6.50 6.18 -6.46
C ASN D 19 7.50 6.69 -5.40
N GLY D 20 7.78 5.89 -4.36
CA GLY D 20 8.79 6.25 -3.38
C GLY D 20 8.18 7.36 -2.60
N CYS D 21 9.00 8.30 -2.10
CA CYS D 21 8.45 9.38 -1.29
C CYS D 21 7.54 10.26 -2.13
N LEU D 22 6.61 10.93 -1.45
CA LEU D 22 5.67 11.84 -2.11
C LEU D 22 5.73 13.22 -1.54
N ARG D 23 5.80 13.28 -0.23
CA ARG D 23 5.97 14.51 0.49
C ARG D 23 7.15 14.22 1.39
N CYS D 24 7.89 15.24 1.82
CA CYS D 24 9.04 15.03 2.70
C CYS D 24 8.79 15.48 4.11
N GLN D 25 9.65 15.02 5.02
CA GLN D 25 9.68 15.53 6.38
C GLN D 25 10.16 16.97 6.21
N PRO D 26 9.46 17.96 6.80
CA PRO D 26 9.67 19.36 6.41
C PRO D 26 11.13 19.80 6.20
N LYS D 27 12.01 19.30 7.05
CA LYS D 27 13.43 19.68 7.02
C LYS D 27 14.12 19.45 5.66
N LEU D 28 13.73 18.37 5.02
CA LEU D 28 14.56 17.72 4.02
C LEU D 28 14.18 18.13 2.60
N PHE D 29 14.92 17.59 1.60
CA PHE D 29 14.79 17.99 0.18
C PHE D 29 14.30 16.89 -0.77
N PHE D 30 13.34 17.23 -1.61
CA PHE D 30 12.68 16.24 -2.47
C PHE D 30 13.46 16.09 -3.73
N TYR D 31 13.69 14.85 -4.16
CA TYR D 31 14.55 14.53 -5.30
C TYR D 31 14.07 13.34 -6.06
N LEU D 32 13.92 13.50 -7.37
CA LEU D 32 13.38 12.46 -8.20
C LEU D 32 14.53 11.64 -8.76
N ARG D 33 14.83 10.51 -8.13
CA ARG D 33 15.84 9.64 -8.63
C ARG D 33 15.22 8.87 -9.74
N ARG D 34 15.80 8.99 -10.93
CA ARG D 34 15.46 8.18 -12.09
C ARG D 34 16.44 7.04 -12.09
N GLU D 35 16.00 5.82 -12.38
CA GLU D 35 16.86 4.66 -12.34
C GLU D 35 16.34 3.60 -13.30
N GLY D 36 16.70 3.74 -14.56
CA GLY D 36 16.11 2.90 -15.59
C GLY D 36 14.71 3.42 -15.87
N MET D 37 13.78 2.50 -16.08
CA MET D 37 12.40 2.89 -16.33
C MET D 37 11.81 3.62 -15.13
N ARG D 38 12.48 3.52 -13.97
CA ARG D 38 11.90 4.05 -12.74
C ARG D 38 12.19 5.51 -12.51
N GLN D 39 11.32 6.11 -11.70
CA GLN D 39 11.54 7.44 -11.17
C GLN D 39 10.78 7.49 -9.86
N TYR D 40 11.44 7.88 -8.78
CA TYR D 40 10.78 7.87 -7.48
C TYR D 40 11.31 8.92 -6.51
N GLY D 41 10.53 9.22 -5.48
CA GLY D 41 10.89 10.26 -4.54
C GLY D 41 11.99 9.81 -3.61
N GLU D 42 12.92 10.71 -3.33
CA GLU D 42 13.80 10.56 -2.19
C GLU D 42 13.70 11.84 -1.41
N CYS D 43 13.77 11.72 -0.10
CA CYS D 43 13.78 12.86 0.77
C CYS D 43 15.12 12.99 1.43
N LEU D 44 15.91 13.97 0.99
CA LEU D 44 17.33 14.06 1.34
C LEU D 44 17.65 15.17 2.30
N GLN D 45 18.76 14.93 3.00
CA GLN D 45 19.36 15.89 3.92
C GLN D 45 19.85 17.15 3.15
N SER D 46 20.59 16.89 2.07
CA SER D 46 21.16 17.90 1.20
C SER D 46 21.16 17.38 -0.24
N CYS D 47 21.19 18.27 -1.22
CA CYS D 47 20.96 17.80 -2.59
C CYS D 47 22.21 17.13 -3.11
N PRO D 48 22.03 16.17 -4.02
CA PRO D 48 23.19 15.43 -4.47
C PRO D 48 24.14 16.32 -5.20
N PRO D 49 25.40 15.93 -5.28
CA PRO D 49 26.29 16.74 -6.06
C PRO D 49 25.71 16.99 -7.45
N GLY D 50 25.93 18.19 -7.99
CA GLY D 50 25.49 18.51 -9.35
C GLY D 50 24.03 18.91 -9.37
N TYR D 51 23.47 19.10 -8.18
CA TYR D 51 22.11 19.58 -8.03
C TYR D 51 22.14 20.75 -7.08
N TYR D 52 21.18 21.66 -7.27
CA TYR D 52 20.97 22.72 -6.33
C TYR D 52 19.61 22.55 -5.75
N GLY D 53 19.43 23.11 -4.57
CA GLY D 53 18.12 23.14 -3.89
C GLY D 53 17.53 24.51 -3.66
N VAL D 54 16.20 24.56 -3.51
CA VAL D 54 15.47 25.80 -3.33
C VAL D 54 14.45 25.61 -2.22
N ARG D 55 14.56 26.38 -1.15
CA ARG D 55 13.61 26.28 -0.04
C ARG D 55 12.42 27.16 -0.33
N GLY D 56 11.54 26.69 -1.22
CA GLY D 56 10.27 27.36 -1.54
C GLY D 56 9.39 27.69 -0.33
N PRO D 57 8.26 28.37 -0.59
CA PRO D 57 7.31 28.56 0.51
C PRO D 57 6.76 27.21 1.01
N ASP D 58 6.28 26.40 0.06
CA ASP D 58 5.62 25.12 0.35
C ASP D 58 6.59 24.03 0.78
N MET D 59 7.52 23.71 -0.13
CA MET D 59 8.42 22.58 0.05
C MET D 59 9.76 22.89 -0.58
N ASN D 60 10.78 22.18 -0.12
CA ASN D 60 12.10 22.26 -0.69
C ASN D 60 12.23 21.25 -1.81
N ARG D 61 13.08 21.49 -2.79
CA ARG D 61 13.41 20.41 -3.73
C ARG D 61 14.65 20.67 -4.54
N CYS D 62 15.15 19.59 -5.17
CA CYS D 62 16.38 19.60 -5.94
C CYS D 62 16.16 19.82 -7.40
N SER D 63 16.89 20.77 -7.97
CA SER D 63 16.92 21.04 -9.40
C SER D 63 18.34 20.80 -9.86
N ARG D 64 18.50 20.32 -11.09
CA ARG D 64 19.82 20.08 -11.65
C ARG D 64 20.58 21.34 -12.03
N CYS D 65 21.92 21.21 -12.04
CA CYS D 65 22.82 22.15 -12.68
C CYS D 65 22.74 21.98 -14.22
N ARG D 66 22.57 23.09 -14.95
CA ARG D 66 22.51 23.11 -16.45
C ARG D 66 23.44 24.14 -17.14
N ILE D 67 24.44 24.63 -16.41
CA ILE D 67 25.30 25.69 -16.88
C ILE D 67 26.60 25.05 -17.33
N GLU D 68 26.98 25.18 -18.60
CA GLU D 68 28.09 24.37 -19.17
C GLU D 68 29.48 24.64 -18.49
N ASN D 69 30.04 23.59 -17.87
CA ASN D 69 31.31 23.63 -17.14
C ASN D 69 31.28 24.41 -15.83
N CYS D 70 30.31 24.05 -14.98
CA CYS D 70 30.28 24.47 -13.56
C CYS D 70 30.43 23.24 -12.66
N ASP D 71 31.43 23.29 -11.78
CA ASP D 71 31.68 22.23 -10.83
C ASP D 71 30.48 22.20 -9.87
N SER D 72 30.30 23.30 -9.14
CA SER D 72 29.35 23.38 -8.03
C SER D 72 28.19 24.38 -8.25
N CYS D 73 26.97 23.87 -8.41
CA CYS D 73 25.81 24.75 -8.48
C CYS D 73 25.46 25.40 -7.15
N PHE D 74 25.07 26.66 -7.16
CA PHE D 74 24.52 27.28 -5.95
C PHE D 74 23.03 27.43 -6.16
N SER D 75 22.66 28.06 -7.29
CA SER D 75 21.29 28.07 -7.83
C SER D 75 21.28 28.04 -9.37
N ARG D 76 20.11 28.01 -10.00
CA ARG D 76 20.03 27.82 -11.47
C ARG D 76 20.81 28.88 -12.20
N ASP D 77 20.44 30.13 -11.96
CA ASP D 77 20.98 31.26 -12.75
C ASP D 77 22.41 31.53 -12.30
N PHE D 78 22.65 31.48 -10.99
CA PHE D 78 23.98 31.74 -10.43
C PHE D 78 24.71 30.47 -9.96
N CYS D 79 25.72 30.08 -10.74
CA CYS D 79 26.74 29.15 -10.25
C CYS D 79 27.73 30.08 -9.54
N ILE D 80 28.60 29.47 -8.76
CA ILE D 80 29.55 30.24 -7.94
C ILE D 80 30.95 29.65 -8.13
N LYS D 81 31.10 28.38 -7.81
CA LYS D 81 32.37 27.70 -8.07
C LYS D 81 32.43 27.32 -9.55
N CYS D 82 32.79 28.29 -10.38
CA CYS D 82 32.93 28.09 -11.83
C CYS D 82 34.10 27.13 -12.11
N LYS D 83 33.95 26.24 -13.08
CA LYS D 83 34.98 25.24 -13.38
C LYS D 83 36.19 25.96 -14.01
N SER D 84 37.38 25.41 -13.75
CA SER D 84 38.63 26.07 -14.13
C SER D 84 38.80 26.22 -15.64
N GLY D 85 39.46 27.32 -16.01
CA GLY D 85 39.68 27.71 -17.41
C GLY D 85 38.62 28.68 -17.89
N PHE D 86 37.68 28.99 -16.99
CA PHE D 86 36.49 29.79 -17.30
C PHE D 86 36.17 30.76 -16.15
N TYR D 87 35.89 32.02 -16.48
CA TYR D 87 35.72 33.10 -15.48
C TYR D 87 34.27 33.50 -15.22
N SER D 88 33.90 33.54 -13.93
CA SER D 88 32.50 33.70 -13.48
C SER D 88 31.98 35.10 -13.80
N HIS D 89 31.47 35.27 -15.01
CA HIS D 89 31.15 36.59 -15.56
C HIS D 89 29.68 36.95 -15.32
N LYS D 90 29.43 37.77 -14.28
CA LYS D 90 28.08 38.07 -13.82
C LYS D 90 27.22 36.78 -13.71
N GLY D 91 27.80 35.70 -13.16
CA GLY D 91 27.10 34.42 -12.97
C GLY D 91 27.61 33.22 -13.77
N GLN D 92 27.97 33.43 -15.04
CA GLN D 92 28.41 32.34 -15.92
C GLN D 92 29.89 32.42 -16.29
N CYS D 93 30.44 31.30 -16.73
CA CYS D 93 31.89 31.14 -16.80
C CYS D 93 32.45 31.34 -18.22
#